data_8I4R
#
_entry.id   8I4R
#
_cell.length_a   102.143
_cell.length_b   102.143
_cell.length_c   312.183
_cell.angle_alpha   90.00
_cell.angle_beta   90.00
_cell.angle_gamma   90.00
#
_symmetry.space_group_name_H-M   'I 41 2 2'
#
loop_
_entity.id
_entity.type
_entity.pdbx_description
1 polymer 'Acyl-CoA dehydrogenase'
2 non-polymer 'FLAVIN-ADENINE DINUCLEOTIDE'
3 non-polymer 'ACETYL COENZYME *A'
4 water water
#
_entity_poly.entity_id   1
_entity_poly.type   'polypeptide(L)'
_entity_poly.pdbx_seq_one_letter_code
;MSDFDLYRPTEEHEALREAIRSVAEDKIAPHAADVDEQSRFPQEAYEALRASDFHAPHVAEEYGGVGADALATCIVIEEI
ARVCASSSLIPAVNKLGSMPLILSGSDEVKQRYLPELASGEAMFSYGLSEREAGSDTASMRTRAVRDGDDWILNGQKSWI
TNAGISKYYTVMAVTDPDGPRGRNISAFVVHIDDPGFSFGEPERKLGIKGSPTRELIFDNVRIPGDRLVGKVGEGLRTAL
RTLDHTRVTIGAQAVGIAQGALDYALGYVKERKQFGKAIADFQGIQFMLADMAMKLEAARQMVYVAAAKSERDDADLSFY
GAAAKCFASDVAMEITTDAVQLLGGYGYTRDYPVERMMRDAKITQIYEGTNQIQRVVMARQLLKKLEHHHHHH
;
_entity_poly.pdbx_strand_id   A
#
# COMPACT_ATOMS: atom_id res chain seq x y z
N PHE A 4 -14.14 -16.24 25.53
CA PHE A 4 -14.83 -15.09 24.87
C PHE A 4 -13.89 -14.43 23.85
N ASP A 5 -13.84 -14.96 22.61
CA ASP A 5 -12.80 -14.61 21.64
C ASP A 5 -13.23 -13.49 20.69
N LEU A 6 -14.01 -12.55 21.22
CA LEU A 6 -14.61 -11.47 20.45
C LEU A 6 -13.60 -10.33 20.38
N TYR A 7 -13.52 -9.75 19.18
CA TYR A 7 -12.89 -8.44 18.97
C TYR A 7 -11.43 -8.44 19.41
N ARG A 8 -10.72 -9.47 18.97
CA ARG A 8 -9.28 -9.48 19.05
C ARG A 8 -8.75 -10.40 17.96
N PRO A 9 -7.48 -10.20 17.58
CA PRO A 9 -6.80 -11.15 16.72
C PRO A 9 -6.65 -12.50 17.45
N THR A 10 -6.52 -13.58 16.66
CA THR A 10 -6.27 -14.93 17.15
C THR A 10 -4.85 -15.00 17.74
N GLU A 11 -4.57 -16.07 18.47
CA GLU A 11 -3.23 -16.31 18.99
C GLU A 11 -2.19 -16.45 17.86
N GLU A 12 -2.61 -17.04 16.73
CA GLU A 12 -1.75 -17.16 15.58
C GLU A 12 -1.40 -15.77 14.99
N HIS A 13 -2.35 -14.82 14.97
CA HIS A 13 -2.10 -13.45 14.56
C HIS A 13 -1.07 -12.76 15.47
N GLU A 14 -1.14 -12.99 16.79
CA GLU A 14 -0.23 -12.37 17.75
C GLU A 14 1.20 -12.97 17.65
N ALA A 15 1.30 -14.26 17.29
CA ALA A 15 2.58 -14.90 17.05
C ALA A 15 3.20 -14.37 15.74
N LEU A 16 2.38 -14.17 14.70
CA LEU A 16 2.82 -13.54 13.46
C LEU A 16 3.29 -12.09 13.71
N ARG A 17 2.55 -11.34 14.53
CA ARG A 17 2.98 -10.01 14.94
C ARG A 17 4.37 -10.03 15.58
N GLU A 18 4.68 -10.96 16.51
CA GLU A 18 6.01 -10.95 17.15
C GLU A 18 7.10 -11.28 16.11
N ALA A 19 6.81 -12.21 15.17
CA ALA A 19 7.76 -12.60 14.15
C ALA A 19 8.08 -11.44 13.18
N ILE A 20 7.06 -10.73 12.65
CA ILE A 20 7.34 -9.59 11.75
C ILE A 20 7.96 -8.43 12.54
N ARG A 21 7.51 -8.18 13.77
CA ARG A 21 8.12 -7.11 14.59
C ARG A 21 9.62 -7.36 14.74
N SER A 22 9.97 -8.63 14.86
CA SER A 22 11.33 -9.03 15.11
C SER A 22 12.21 -8.82 13.87
N VAL A 23 11.72 -9.27 12.72
CA VAL A 23 12.38 -8.96 11.45
C VAL A 23 12.43 -7.45 11.20
N ALA A 24 11.35 -6.71 11.53
CA ALA A 24 11.34 -5.28 11.27
C ALA A 24 12.38 -4.53 12.12
N GLU A 25 12.46 -4.82 13.42
CA GLU A 25 13.33 -4.09 14.34
C GLU A 25 14.80 -4.42 14.10
N ASP A 26 15.14 -5.67 13.71
CA ASP A 26 16.53 -6.07 13.54
C ASP A 26 17.05 -5.79 12.12
N LYS A 27 16.25 -6.04 11.09
CA LYS A 27 16.76 -6.07 9.72
C LYS A 27 16.33 -4.87 8.87
N ILE A 28 15.23 -4.19 9.25
CA ILE A 28 14.64 -3.16 8.41
C ILE A 28 14.89 -1.75 8.96
N ALA A 29 14.54 -1.53 10.26
CA ALA A 29 14.66 -0.28 11.01
C ALA A 29 16.03 0.37 10.91
N PRO A 30 17.15 -0.39 11.04
CA PRO A 30 18.51 0.19 10.97
C PRO A 30 18.83 0.93 9.68
N HIS A 31 18.14 0.54 8.60
CA HIS A 31 18.39 1.09 7.27
C HIS A 31 17.35 2.15 6.89
N ALA A 32 16.31 2.40 7.68
CA ALA A 32 15.23 3.30 7.26
C ALA A 32 15.72 4.72 6.99
N ALA A 33 16.57 5.30 7.87
CA ALA A 33 17.02 6.68 7.67
C ALA A 33 17.80 6.81 6.36
N ASP A 34 18.63 5.79 6.04
CA ASP A 34 19.45 5.81 4.83
C ASP A 34 18.62 5.57 3.57
N VAL A 35 17.60 4.69 3.63
CA VAL A 35 16.65 4.48 2.54
C VAL A 35 15.98 5.80 2.13
N ASP A 36 15.50 6.56 3.11
CA ASP A 36 14.89 7.88 2.92
C ASP A 36 15.94 8.89 2.41
N GLU A 37 17.07 8.99 3.12
CA GLU A 37 18.06 10.03 2.85
C GLU A 37 18.57 9.86 1.41
N GLN A 38 18.81 8.63 0.91
CA GLN A 38 19.37 8.44 -0.43
C GLN A 38 18.28 8.19 -1.46
N SER A 39 16.98 8.31 -1.11
CA SER A 39 15.89 7.97 -2.00
C SER A 39 16.15 6.66 -2.76
N ARG A 40 16.54 5.58 -2.06
CA ARG A 40 16.94 4.32 -2.72
C ARG A 40 16.06 3.17 -2.22
N PHE A 41 15.89 2.14 -3.05
CA PHE A 41 15.03 1.01 -2.70
C PHE A 41 15.56 0.30 -1.45
N PRO A 42 14.67 -0.07 -0.50
CA PRO A 42 15.08 -0.80 0.70
C PRO A 42 15.41 -2.28 0.44
N GLN A 43 16.62 -2.53 -0.12
CA GLN A 43 17.06 -3.83 -0.59
C GLN A 43 17.26 -4.79 0.58
N GLU A 44 17.83 -4.25 1.67
CA GLU A 44 18.03 -5.02 2.90
C GLU A 44 16.69 -5.54 3.41
N ALA A 45 15.68 -4.66 3.37
CA ALA A 45 14.34 -5.03 3.84
C ALA A 45 13.74 -6.08 2.92
N TYR A 46 13.90 -5.93 1.58
CA TYR A 46 13.34 -6.90 0.66
C TYR A 46 13.92 -8.29 0.99
N GLU A 47 15.25 -8.38 1.16
CA GLU A 47 15.92 -9.63 1.43
C GLU A 47 15.50 -10.24 2.78
N ALA A 48 15.28 -9.40 3.82
CA ALA A 48 14.87 -9.97 5.10
C ALA A 48 13.41 -10.43 5.06
N LEU A 49 12.56 -9.72 4.32
CA LEU A 49 11.16 -10.10 4.16
C LEU A 49 11.06 -11.36 3.33
N ARG A 50 11.85 -11.44 2.24
CA ARG A 50 11.88 -12.65 1.42
C ARG A 50 12.37 -13.86 2.24
N ALA A 51 13.44 -13.72 3.03
CA ALA A 51 13.97 -14.82 3.80
C ALA A 51 12.93 -15.35 4.80
N SER A 52 11.96 -14.55 5.26
CA SER A 52 11.05 -15.06 6.28
C SER A 52 9.60 -15.04 5.80
N ASP A 53 9.38 -14.91 4.50
CA ASP A 53 8.09 -15.10 3.87
C ASP A 53 7.10 -13.99 4.21
N PHE A 54 7.59 -12.76 4.40
CA PHE A 54 6.71 -11.62 4.63
C PHE A 54 6.64 -10.61 3.46
N HIS A 55 7.19 -10.95 2.29
CA HIS A 55 7.23 -9.99 1.18
C HIS A 55 5.92 -9.97 0.37
N ALA A 56 5.14 -11.07 0.44
CA ALA A 56 3.86 -11.20 -0.25
C ALA A 56 3.02 -12.31 0.40
N PRO A 57 2.70 -12.21 1.72
CA PRO A 57 2.10 -13.33 2.45
C PRO A 57 0.69 -13.75 2.07
N HIS A 58 -0.01 -12.92 1.28
CA HIS A 58 -1.41 -13.14 0.95
C HIS A 58 -1.55 -14.22 -0.12
N VAL A 59 -0.48 -14.57 -0.85
CA VAL A 59 -0.59 -15.51 -1.98
C VAL A 59 -1.01 -16.90 -1.46
N ALA A 60 -1.94 -17.57 -2.17
CA ALA A 60 -2.48 -18.88 -1.75
C ALA A 60 -1.35 -19.92 -1.71
N GLU A 61 -1.43 -20.86 -0.73
CA GLU A 61 -0.54 -22.03 -0.60
C GLU A 61 -0.48 -22.86 -1.89
N GLU A 62 -1.59 -23.00 -2.58
CA GLU A 62 -1.61 -23.62 -3.90
C GLU A 62 -0.50 -23.08 -4.81
N TYR A 63 0.01 -21.86 -4.60
CA TYR A 63 1.01 -21.27 -5.49
C TYR A 63 2.37 -21.18 -4.80
N GLY A 64 2.57 -21.86 -3.67
CA GLY A 64 3.80 -21.78 -2.88
C GLY A 64 3.75 -20.64 -1.86
N GLY A 65 2.57 -19.99 -1.72
CA GLY A 65 2.39 -18.90 -0.78
C GLY A 65 2.17 -19.33 0.67
N VAL A 66 2.11 -18.33 1.55
CA VAL A 66 1.81 -18.44 2.98
C VAL A 66 0.28 -18.57 3.18
N GLY A 67 -0.51 -18.11 2.20
CA GLY A 67 -1.94 -18.13 2.33
C GLY A 67 -2.42 -17.39 3.58
N ALA A 68 -1.79 -16.25 3.92
CA ALA A 68 -2.23 -15.47 5.07
C ALA A 68 -3.55 -14.75 4.78
N ASP A 69 -4.45 -14.73 5.78
CA ASP A 69 -5.72 -14.00 5.69
C ASP A 69 -5.48 -12.46 5.64
N ALA A 70 -6.56 -11.74 5.34
CA ALA A 70 -6.49 -10.29 5.12
C ALA A 70 -6.03 -9.51 6.36
N LEU A 71 -6.38 -9.97 7.59
CA LEU A 71 -5.98 -9.31 8.81
C LEU A 71 -4.49 -9.51 9.12
N ALA A 72 -4.01 -10.76 9.00
CA ALA A 72 -2.60 -11.12 9.10
C ALA A 72 -1.77 -10.24 8.18
N THR A 73 -2.20 -10.13 6.93
CA THR A 73 -1.50 -9.30 5.95
C THR A 73 -1.43 -7.83 6.40
N CYS A 74 -2.55 -7.31 6.95
CA CYS A 74 -2.57 -5.97 7.53
C CYS A 74 -1.62 -5.85 8.72
N ILE A 75 -1.55 -6.84 9.61
CA ILE A 75 -0.59 -6.75 10.71
C ILE A 75 0.85 -6.71 10.18
N VAL A 76 1.15 -7.44 9.10
CA VAL A 76 2.52 -7.43 8.57
C VAL A 76 2.88 -6.01 8.09
N ILE A 77 1.99 -5.43 7.28
CA ILE A 77 2.19 -4.11 6.69
C ILE A 77 2.30 -3.04 7.79
N GLU A 78 1.41 -3.10 8.78
CA GLU A 78 1.45 -2.28 9.97
C GLU A 78 2.80 -2.34 10.72
N GLU A 79 3.29 -3.54 11.03
CA GLU A 79 4.53 -3.71 11.80
C GLU A 79 5.76 -3.26 10.99
N ILE A 80 5.80 -3.52 9.68
CA ILE A 80 6.86 -2.93 8.88
C ILE A 80 6.75 -1.40 8.87
N ALA A 81 5.54 -0.86 8.64
CA ALA A 81 5.35 0.57 8.49
C ALA A 81 5.71 1.31 9.79
N ARG A 82 5.67 0.60 10.92
CA ARG A 82 6.11 1.15 12.22
C ARG A 82 7.57 1.63 12.18
N VAL A 83 8.40 1.02 11.34
CA VAL A 83 9.83 1.34 11.31
C VAL A 83 10.29 1.86 9.94
N CYS A 84 9.63 1.50 8.83
CA CYS A 84 10.03 1.96 7.49
C CYS A 84 8.84 1.90 6.53
N ALA A 85 8.27 3.08 6.19
CA ALA A 85 7.07 3.12 5.37
C ALA A 85 7.35 2.67 3.95
N SER A 86 8.57 2.94 3.45
CA SER A 86 8.95 2.52 2.11
C SER A 86 8.95 0.99 2.02
N SER A 87 9.48 0.33 3.06
CA SER A 87 9.54 -1.12 3.14
C SER A 87 8.13 -1.74 3.20
N SER A 88 7.18 -1.08 3.90
CA SER A 88 5.83 -1.59 4.05
C SER A 88 5.15 -1.79 2.67
N LEU A 89 5.63 -1.07 1.65
CA LEU A 89 5.02 -1.06 0.32
C LEU A 89 5.42 -2.29 -0.49
N ILE A 90 6.41 -3.05 -0.01
CA ILE A 90 6.77 -4.30 -0.65
C ILE A 90 5.56 -5.25 -0.60
N PRO A 91 5.05 -5.67 0.59
CA PRO A 91 3.81 -6.46 0.66
C PRO A 91 2.52 -5.75 0.21
N ALA A 92 2.46 -4.43 0.42
CA ALA A 92 1.26 -3.67 0.05
C ALA A 92 1.11 -3.59 -1.47
N VAL A 93 2.18 -3.22 -2.19
CA VAL A 93 2.05 -3.15 -3.64
C VAL A 93 2.13 -4.54 -4.27
N ASN A 94 2.82 -5.51 -3.66
CA ASN A 94 2.75 -6.89 -4.14
C ASN A 94 1.27 -7.35 -4.16
N LYS A 95 0.52 -7.06 -3.07
CA LYS A 95 -0.92 -7.37 -3.06
C LYS A 95 -1.66 -6.55 -4.12
N LEU A 96 -1.45 -5.23 -4.15
CA LEU A 96 -2.22 -4.42 -5.08
C LEU A 96 -2.07 -4.94 -6.51
N GLY A 97 -0.84 -5.23 -6.95
CA GLY A 97 -0.56 -5.64 -8.31
C GLY A 97 -1.09 -7.04 -8.65
N SER A 98 -1.08 -7.97 -7.67
CA SER A 98 -1.42 -9.36 -7.89
C SER A 98 -2.93 -9.61 -7.74
N MET A 99 -3.61 -8.75 -6.97
CA MET A 99 -5.02 -8.92 -6.61
C MET A 99 -5.91 -9.00 -7.86
N PRO A 100 -5.71 -8.23 -8.94
CA PRO A 100 -6.55 -8.42 -10.13
C PRO A 100 -6.44 -9.83 -10.74
N LEU A 101 -5.25 -10.44 -10.69
CA LEU A 101 -5.10 -11.85 -11.04
C LEU A 101 -5.84 -12.75 -10.06
N ILE A 102 -5.60 -12.60 -8.75
CA ILE A 102 -6.23 -13.45 -7.76
C ILE A 102 -7.77 -13.38 -7.90
N LEU A 103 -8.34 -12.19 -8.20
CA LEU A 103 -9.81 -12.03 -8.27
C LEU A 103 -10.40 -12.43 -9.63
N SER A 104 -9.72 -12.19 -10.75
CA SER A 104 -10.34 -12.26 -12.07
C SER A 104 -9.55 -13.10 -13.08
N GLY A 105 -8.33 -13.52 -12.74
CA GLY A 105 -7.49 -14.17 -13.72
C GLY A 105 -7.82 -15.66 -13.83
N SER A 106 -7.53 -16.23 -15.01
CA SER A 106 -7.62 -17.66 -15.30
C SER A 106 -6.57 -18.42 -14.47
N ASP A 107 -6.79 -19.73 -14.34
CA ASP A 107 -5.88 -20.64 -13.63
C ASP A 107 -4.46 -20.59 -14.19
N GLU A 108 -4.34 -20.40 -15.52
CA GLU A 108 -3.11 -20.36 -16.30
C GLU A 108 -2.33 -19.07 -15.98
N VAL A 109 -3.03 -17.92 -16.02
CA VAL A 109 -2.45 -16.64 -15.60
C VAL A 109 -1.99 -16.70 -14.15
N LYS A 110 -2.86 -17.20 -13.28
CA LYS A 110 -2.44 -17.30 -11.89
C LYS A 110 -1.21 -18.19 -11.77
N GLN A 111 -1.20 -19.31 -12.50
CA GLN A 111 -0.15 -20.34 -12.37
C GLN A 111 1.16 -19.79 -12.94
N ARG A 112 1.07 -18.94 -13.95
CA ARG A 112 2.24 -18.31 -14.54
C ARG A 112 2.93 -17.30 -13.61
N TYR A 113 2.19 -16.49 -12.81
CA TYR A 113 2.75 -15.29 -12.17
C TYR A 113 2.83 -15.42 -10.65
N LEU A 114 1.81 -16.00 -10.01
CA LEU A 114 1.79 -16.00 -8.56
C LEU A 114 2.91 -16.81 -7.93
N PRO A 115 3.37 -17.98 -8.49
CA PRO A 115 4.49 -18.71 -7.87
C PRO A 115 5.76 -17.87 -7.74
N GLU A 116 6.02 -17.04 -8.74
CA GLU A 116 7.18 -16.17 -8.77
C GLU A 116 7.10 -15.11 -7.66
N LEU A 117 5.90 -14.60 -7.41
CA LEU A 117 5.68 -13.64 -6.34
C LEU A 117 5.90 -14.33 -4.98
N ALA A 118 5.27 -15.52 -4.85
CA ALA A 118 5.37 -16.34 -3.65
C ALA A 118 6.81 -16.61 -3.26
N SER A 119 7.70 -16.94 -4.22
CA SER A 119 9.09 -17.23 -3.86
C SER A 119 9.92 -15.95 -3.72
N GLY A 120 9.40 -14.86 -4.29
CA GLY A 120 10.02 -13.57 -4.15
C GLY A 120 11.06 -13.30 -5.24
N GLU A 121 10.93 -14.02 -6.37
CA GLU A 121 11.80 -13.80 -7.51
C GLU A 121 11.28 -12.57 -8.25
N ALA A 122 10.02 -12.19 -8.02
CA ALA A 122 9.40 -11.10 -8.76
C ALA A 122 8.52 -10.29 -7.79
N MET A 123 8.56 -8.97 -8.01
CA MET A 123 7.63 -8.02 -7.43
C MET A 123 6.61 -7.60 -8.49
N PHE A 124 5.44 -7.19 -8.00
CA PHE A 124 4.37 -6.70 -8.84
C PHE A 124 4.10 -5.21 -8.60
N SER A 125 3.71 -4.54 -9.69
CA SER A 125 3.18 -3.18 -9.65
C SER A 125 1.81 -3.18 -10.31
N TYR A 126 1.08 -2.07 -10.13
CA TYR A 126 -0.27 -1.86 -10.63
C TYR A 126 -0.34 -0.53 -11.37
N GLY A 127 -0.77 -0.55 -12.64
CA GLY A 127 -0.83 0.65 -13.44
C GLY A 127 -2.26 1.01 -13.82
N LEU A 128 -2.83 1.98 -13.06
CA LEU A 128 -4.18 2.51 -13.26
C LEU A 128 -4.19 3.98 -13.65
N SER A 129 -3.58 4.79 -12.80
CA SER A 129 -3.63 6.25 -12.92
C SER A 129 -2.89 6.75 -14.15
N GLU A 130 -3.35 7.88 -14.70
CA GLU A 130 -2.66 8.59 -15.76
C GLU A 130 -2.54 10.08 -15.43
N ARG A 131 -1.83 10.76 -16.30
CA ARG A 131 -1.60 12.19 -16.26
C ARG A 131 -2.93 12.94 -16.14
N GLU A 132 -3.92 12.54 -16.96
CA GLU A 132 -5.19 13.23 -17.04
C GLU A 132 -6.30 12.36 -16.46
N ALA A 133 -6.02 11.25 -15.81
CA ALA A 133 -7.06 10.47 -15.17
C ALA A 133 -6.50 9.81 -13.91
N GLY A 134 -6.55 10.51 -12.76
CA GLY A 134 -6.13 9.93 -11.50
C GLY A 134 -7.33 9.35 -10.75
N SER A 135 -8.06 10.27 -10.11
CA SER A 135 -9.30 9.99 -9.44
C SER A 135 -10.34 9.44 -10.43
N ASP A 136 -10.42 10.07 -11.60
CA ASP A 136 -11.33 9.70 -12.67
C ASP A 136 -10.77 8.57 -13.56
N THR A 137 -10.71 7.37 -13.00
CA THR A 137 -10.12 6.21 -13.67
C THR A 137 -10.87 5.87 -14.96
N ALA A 138 -12.20 6.05 -14.99
CA ALA A 138 -12.98 5.68 -16.18
C ALA A 138 -12.61 6.51 -17.42
N SER A 139 -11.93 7.64 -17.27
CA SER A 139 -11.53 8.51 -18.38
C SER A 139 -10.13 8.21 -18.91
N MET A 140 -9.49 7.12 -18.45
CA MET A 140 -8.14 6.76 -18.91
C MET A 140 -8.09 6.64 -20.44
N ARG A 141 -6.90 6.87 -21.01
CA ARG A 141 -6.67 6.90 -22.44
C ARG A 141 -5.67 5.85 -22.92
N THR A 142 -4.93 5.19 -22.02
CA THR A 142 -4.14 4.05 -22.46
C THR A 142 -5.07 3.07 -23.18
N ARG A 143 -4.67 2.66 -24.40
CA ARG A 143 -5.44 1.80 -25.30
C ARG A 143 -4.72 0.46 -25.48
N ALA A 144 -5.49 -0.62 -25.54
CA ALA A 144 -5.01 -1.91 -26.05
C ALA A 144 -5.87 -2.39 -27.25
N VAL A 145 -5.21 -2.60 -28.40
CA VAL A 145 -5.81 -2.96 -29.69
C VAL A 145 -5.37 -4.37 -30.06
N ARG A 146 -6.33 -5.25 -30.46
CA ARG A 146 -6.01 -6.59 -30.97
C ARG A 146 -5.23 -6.48 -32.30
N ASP A 147 -4.21 -7.32 -32.45
CA ASP A 147 -3.52 -7.49 -33.73
C ASP A 147 -3.21 -8.98 -33.89
N GLY A 148 -4.01 -9.71 -34.67
CA GLY A 148 -3.91 -11.16 -34.63
C GLY A 148 -4.32 -11.63 -33.25
N ASP A 149 -3.50 -12.46 -32.59
CA ASP A 149 -3.81 -12.90 -31.25
C ASP A 149 -3.13 -12.01 -30.22
N ASP A 150 -2.39 -11.00 -30.69
CA ASP A 150 -1.60 -10.14 -29.83
C ASP A 150 -2.44 -8.93 -29.43
N TRP A 151 -1.91 -8.23 -28.41
CA TRP A 151 -2.40 -6.89 -28.05
C TRP A 151 -1.29 -5.87 -28.23
N ILE A 152 -1.67 -4.68 -28.73
CA ILE A 152 -0.76 -3.53 -28.88
C ILE A 152 -1.24 -2.45 -27.89
N LEU A 153 -0.38 -2.10 -26.88
CA LEU A 153 -0.66 -1.06 -25.88
C LEU A 153 0.04 0.25 -26.24
N ASN A 154 -0.72 1.34 -26.14
CA ASN A 154 -0.24 2.69 -26.37
C ASN A 154 -0.77 3.62 -25.27
N GLY A 155 0.14 4.38 -24.66
CA GLY A 155 -0.16 5.47 -23.76
C GLY A 155 0.84 5.52 -22.61
N GLN A 156 0.33 5.72 -21.40
CA GLN A 156 1.20 6.02 -20.27
C GLN A 156 0.43 5.81 -18.99
N LYS A 157 1.12 5.35 -17.96
CA LYS A 157 0.59 5.36 -16.61
C LYS A 157 1.47 6.24 -15.74
N SER A 158 0.83 6.86 -14.72
CA SER A 158 1.49 7.83 -13.85
C SER A 158 1.59 7.29 -12.43
N TRP A 159 2.73 7.59 -11.78
CA TRP A 159 2.83 7.44 -10.34
C TRP A 159 3.00 5.98 -9.94
N ILE A 160 3.70 5.12 -10.71
CA ILE A 160 3.62 3.71 -10.41
C ILE A 160 4.65 3.34 -9.34
N THR A 161 4.13 2.83 -8.23
CA THR A 161 4.97 2.38 -7.14
C THR A 161 5.68 1.08 -7.51
N ASN A 162 6.95 1.01 -7.09
CA ASN A 162 7.97 -0.01 -7.28
C ASN A 162 8.22 -0.15 -8.79
N ALA A 163 7.89 0.85 -9.63
CA ALA A 163 8.24 0.74 -11.04
C ALA A 163 9.74 0.71 -11.25
N GLY A 164 10.15 -0.06 -12.25
CA GLY A 164 11.55 -0.30 -12.54
C GLY A 164 12.14 -1.45 -11.75
N ILE A 165 11.67 -1.73 -10.53
CA ILE A 165 12.08 -2.88 -9.73
C ILE A 165 11.17 -4.08 -10.01
N SER A 166 9.86 -3.83 -10.06
CA SER A 166 8.88 -4.87 -10.34
C SER A 166 9.16 -5.51 -11.71
N LYS A 167 9.05 -6.83 -11.77
CA LYS A 167 9.17 -7.54 -13.04
C LYS A 167 7.85 -7.49 -13.82
N TYR A 168 6.72 -7.51 -13.11
CA TYR A 168 5.41 -7.60 -13.74
C TYR A 168 4.51 -6.44 -13.32
N TYR A 169 3.66 -6.02 -14.26
CA TYR A 169 2.89 -4.79 -14.21
C TYR A 169 1.45 -5.14 -14.59
N THR A 170 0.50 -5.13 -13.65
CA THR A 170 -0.91 -5.24 -14.00
C THR A 170 -1.43 -3.87 -14.48
N VAL A 171 -1.68 -3.78 -15.78
CA VAL A 171 -2.02 -2.56 -16.49
C VAL A 171 -3.45 -2.65 -17.05
N MET A 172 -4.19 -1.55 -16.83
CA MET A 172 -5.57 -1.38 -17.22
C MET A 172 -5.54 -0.45 -18.42
N ALA A 173 -6.28 -0.83 -19.48
CA ALA A 173 -6.27 -0.07 -20.72
C ALA A 173 -7.64 -0.16 -21.39
N VAL A 174 -7.98 0.87 -22.19
CA VAL A 174 -9.21 0.89 -22.97
C VAL A 174 -9.15 -0.18 -24.07
N THR A 175 -10.09 -1.14 -24.05
CA THR A 175 -10.17 -2.11 -25.12
C THR A 175 -11.29 -1.80 -26.10
N ASP A 176 -12.06 -0.72 -25.92
CA ASP A 176 -13.03 -0.28 -26.92
C ASP A 176 -13.45 1.19 -26.69
N PRO A 177 -12.89 2.16 -27.43
CA PRO A 177 -13.18 3.59 -27.20
C PRO A 177 -14.64 4.01 -27.43
N ASP A 178 -15.47 3.11 -27.98
CA ASP A 178 -16.87 3.39 -28.27
C ASP A 178 -17.81 2.64 -27.34
N GLY A 179 -17.26 1.66 -26.58
CA GLY A 179 -17.99 0.88 -25.59
C GLY A 179 -18.52 1.75 -24.45
N PRO A 180 -19.35 1.19 -23.54
CA PRO A 180 -19.95 2.01 -22.48
C PRO A 180 -18.91 2.40 -21.41
N ARG A 181 -18.93 3.69 -21.06
CA ARG A 181 -18.12 4.24 -19.97
C ARG A 181 -18.11 3.30 -18.75
N GLY A 182 -16.91 3.03 -18.22
CA GLY A 182 -16.73 2.19 -17.05
C GLY A 182 -16.58 0.71 -17.37
N ARG A 183 -16.91 0.31 -18.60
CA ARG A 183 -17.08 -1.10 -18.94
C ARG A 183 -16.44 -1.39 -20.28
N ASN A 184 -15.45 -0.58 -20.70
CA ASN A 184 -14.74 -0.72 -21.96
C ASN A 184 -13.22 -0.87 -21.75
N ILE A 185 -12.81 -1.51 -20.64
CA ILE A 185 -11.43 -1.44 -20.19
C ILE A 185 -11.05 -2.85 -19.76
N SER A 186 -9.78 -3.24 -20.00
CA SER A 186 -9.37 -4.58 -19.65
C SER A 186 -8.03 -4.51 -18.92
N ALA A 187 -7.70 -5.58 -18.19
CA ALA A 187 -6.45 -5.67 -17.45
C ALA A 187 -5.53 -6.67 -18.17
N PHE A 188 -4.21 -6.37 -18.16
CA PHE A 188 -3.15 -7.12 -18.79
C PHE A 188 -1.94 -7.18 -17.88
N VAL A 189 -1.20 -8.32 -17.89
CA VAL A 189 0.12 -8.39 -17.29
C VAL A 189 1.16 -8.00 -18.34
N VAL A 190 1.99 -6.99 -18.00
CA VAL A 190 3.07 -6.47 -18.81
C VAL A 190 4.40 -6.79 -18.12
N HIS A 191 5.39 -7.29 -18.87
CA HIS A 191 6.69 -7.67 -18.31
C HIS A 191 7.64 -6.47 -18.48
N ILE A 192 8.62 -6.37 -17.58
CA ILE A 192 9.60 -5.30 -17.63
C ILE A 192 10.32 -5.27 -18.99
N ASP A 193 10.55 -6.43 -19.64
CA ASP A 193 11.29 -6.50 -20.90
C ASP A 193 10.36 -6.50 -22.12
N ASP A 194 9.05 -6.25 -21.99
CA ASP A 194 8.23 -6.18 -23.20
C ASP A 194 8.71 -5.03 -24.09
N PRO A 195 8.61 -5.22 -25.43
CA PRO A 195 9.12 -4.25 -26.39
C PRO A 195 8.35 -2.94 -26.32
N GLY A 196 9.05 -1.80 -26.50
CA GLY A 196 8.39 -0.51 -26.55
C GLY A 196 8.01 0.06 -25.16
N PHE A 197 8.36 -0.63 -24.07
CA PHE A 197 8.01 -0.29 -22.70
C PHE A 197 9.21 0.39 -22.02
N SER A 198 9.08 1.67 -21.67
CA SER A 198 10.07 2.37 -20.85
C SER A 198 9.48 2.97 -19.56
N PHE A 199 10.38 3.44 -18.70
CA PHE A 199 10.05 4.11 -17.45
C PHE A 199 10.42 5.60 -17.51
N GLY A 200 9.69 6.48 -16.78
CA GLY A 200 10.07 7.88 -16.65
C GLY A 200 11.13 8.08 -15.58
N GLU A 201 11.65 9.31 -15.43
CA GLU A 201 12.65 9.62 -14.40
C GLU A 201 11.98 9.49 -13.04
N PRO A 202 12.65 8.96 -11.99
CA PRO A 202 11.98 8.81 -10.69
C PRO A 202 11.46 10.16 -10.16
N GLU A 203 10.23 10.21 -9.61
CA GLU A 203 9.66 11.37 -8.94
C GLU A 203 10.53 11.80 -7.76
N ARG A 204 10.75 13.11 -7.55
CA ARG A 204 11.29 13.61 -6.30
C ARG A 204 10.11 13.88 -5.36
N LYS A 205 10.06 13.19 -4.22
CA LYS A 205 8.89 13.15 -3.34
C LYS A 205 9.21 13.71 -1.97
N LEU A 206 8.15 14.12 -1.27
CA LEU A 206 8.13 14.49 0.14
C LEU A 206 8.54 13.34 1.06
N GLY A 207 7.93 12.16 0.86
CA GLY A 207 8.19 10.97 1.64
C GLY A 207 8.08 9.70 0.78
N ILE A 208 8.03 8.54 1.48
CA ILE A 208 8.30 7.21 0.97
C ILE A 208 9.31 7.32 -0.17
N LYS A 209 10.42 7.98 0.13
CA LYS A 209 11.41 8.32 -0.88
C LYS A 209 12.18 7.11 -1.43
N GLY A 210 12.32 6.04 -0.65
CA GLY A 210 12.98 4.84 -1.12
C GLY A 210 12.11 4.01 -2.05
N SER A 211 10.79 4.18 -1.97
CA SER A 211 9.86 3.58 -2.92
C SER A 211 9.94 4.31 -4.26
N PRO A 212 10.43 3.66 -5.34
CA PRO A 212 10.42 4.32 -6.63
C PRO A 212 8.99 4.55 -7.13
N THR A 213 8.82 5.73 -7.70
CA THR A 213 7.55 6.18 -8.24
C THR A 213 7.85 6.71 -9.64
N ARG A 214 7.33 6.07 -10.70
CA ARG A 214 7.77 6.43 -12.06
C ARG A 214 6.62 6.22 -13.04
N GLU A 215 6.66 6.95 -14.14
CA GLU A 215 5.73 6.78 -15.23
C GLU A 215 6.09 5.47 -15.97
N LEU A 216 5.06 4.74 -16.47
CA LEU A 216 5.21 3.70 -17.48
C LEU A 216 4.88 4.33 -18.81
N ILE A 217 5.76 4.18 -19.81
CA ILE A 217 5.50 4.65 -21.16
C ILE A 217 5.33 3.43 -22.07
N PHE A 218 4.22 3.41 -22.82
CA PHE A 218 3.91 2.32 -23.74
C PHE A 218 3.93 2.85 -25.17
N ASP A 219 5.00 2.51 -25.90
CA ASP A 219 5.10 2.82 -27.32
C ASP A 219 4.88 1.56 -28.20
N ASN A 220 3.65 1.33 -28.66
CA ASN A 220 3.29 0.12 -29.41
C ASN A 220 3.88 -1.13 -28.75
N VAL A 221 3.49 -1.39 -27.52
CA VAL A 221 3.95 -2.55 -26.81
C VAL A 221 3.14 -3.75 -27.26
N ARG A 222 3.80 -4.66 -28.00
CA ARG A 222 3.21 -5.90 -28.45
C ARG A 222 3.34 -6.97 -27.37
N ILE A 223 2.21 -7.60 -26.99
CA ILE A 223 2.21 -8.61 -25.94
C ILE A 223 1.25 -9.71 -26.38
N PRO A 224 1.45 -10.96 -25.92
CA PRO A 224 0.57 -12.06 -26.30
C PRO A 224 -0.85 -11.90 -25.76
N GLY A 225 -1.78 -12.55 -26.47
CA GLY A 225 -3.19 -12.61 -26.09
C GLY A 225 -3.42 -13.21 -24.71
N ASP A 226 -2.53 -14.07 -24.21
CA ASP A 226 -2.71 -14.74 -22.93
C ASP A 226 -2.24 -13.88 -21.73
N ARG A 227 -1.79 -12.62 -21.97
CA ARG A 227 -1.55 -11.64 -20.93
C ARG A 227 -2.84 -11.11 -20.29
N LEU A 228 -4.01 -11.30 -20.96
CA LEU A 228 -5.31 -10.79 -20.52
C LEU A 228 -5.69 -11.34 -19.15
N VAL A 229 -6.05 -10.43 -18.22
CA VAL A 229 -6.57 -10.78 -16.89
C VAL A 229 -8.09 -10.57 -16.82
N GLY A 230 -8.80 -11.68 -16.65
CA GLY A 230 -10.25 -11.78 -16.75
C GLY A 230 -10.76 -11.49 -18.15
N LYS A 231 -11.89 -10.77 -18.22
CA LYS A 231 -12.69 -10.64 -19.43
C LYS A 231 -12.50 -9.25 -20.03
N VAL A 232 -12.57 -9.22 -21.35
CA VAL A 232 -12.48 -7.96 -22.06
C VAL A 232 -13.60 -7.05 -21.55
N GLY A 233 -13.26 -5.80 -21.21
CA GLY A 233 -14.22 -4.79 -20.75
C GLY A 233 -14.54 -4.86 -19.26
N GLU A 234 -14.02 -5.86 -18.54
CA GLU A 234 -14.43 -6.02 -17.15
C GLU A 234 -13.27 -5.57 -16.25
N GLY A 235 -12.30 -4.86 -16.86
CA GLY A 235 -11.03 -4.57 -16.21
C GLY A 235 -11.12 -3.53 -15.09
N LEU A 236 -11.94 -2.48 -15.28
CA LEU A 236 -12.10 -1.43 -14.29
C LEU A 236 -12.85 -1.98 -13.09
N ARG A 237 -13.87 -2.78 -13.36
CA ARG A 237 -14.61 -3.51 -12.36
C ARG A 237 -13.62 -4.27 -11.45
N THR A 238 -12.67 -4.97 -12.03
CA THR A 238 -11.66 -5.71 -11.26
C THR A 238 -10.73 -4.75 -10.51
N ALA A 239 -10.32 -3.65 -11.17
CA ALA A 239 -9.36 -2.73 -10.56
C ALA A 239 -10.00 -2.08 -9.33
N LEU A 240 -11.30 -1.77 -9.39
CA LEU A 240 -11.98 -1.12 -8.28
C LEU A 240 -12.31 -2.10 -7.18
N ARG A 241 -12.64 -3.33 -7.55
CA ARG A 241 -12.86 -4.35 -6.53
C ARG A 241 -11.57 -4.60 -5.74
N THR A 242 -10.44 -4.54 -6.43
CA THR A 242 -9.14 -4.63 -5.79
C THR A 242 -8.98 -3.57 -4.68
N LEU A 243 -9.29 -2.30 -5.02
CA LEU A 243 -9.11 -1.17 -4.14
C LEU A 243 -9.97 -1.28 -2.87
N ASP A 244 -11.13 -1.96 -2.95
CA ASP A 244 -11.89 -2.29 -1.75
C ASP A 244 -11.09 -3.09 -0.73
N HIS A 245 -10.29 -4.06 -1.21
CA HIS A 245 -9.44 -4.85 -0.33
C HIS A 245 -8.18 -4.08 0.09
N THR A 246 -7.53 -3.39 -0.86
CA THR A 246 -6.20 -2.86 -0.62
C THR A 246 -6.24 -1.53 0.14
N ARG A 247 -7.31 -0.74 0.00
CA ARG A 247 -7.50 0.45 0.82
C ARG A 247 -7.28 0.12 2.29
N VAL A 248 -7.68 -1.08 2.74
CA VAL A 248 -7.55 -1.50 4.12
C VAL A 248 -6.08 -1.61 4.52
N THR A 249 -5.20 -2.07 3.61
CA THR A 249 -3.77 -2.20 3.87
C THR A 249 -3.09 -0.82 3.99
N ILE A 250 -3.57 0.19 3.24
CA ILE A 250 -3.10 1.56 3.42
C ILE A 250 -3.58 2.15 4.77
N GLY A 251 -4.80 1.82 5.19
CA GLY A 251 -5.18 2.01 6.58
C GLY A 251 -4.16 1.38 7.56
N ALA A 252 -3.79 0.10 7.34
CA ALA A 252 -2.83 -0.62 8.20
C ALA A 252 -1.45 0.05 8.16
N GLN A 253 -1.02 0.49 6.99
CA GLN A 253 0.20 1.26 6.88
C GLN A 253 0.18 2.54 7.75
N ALA A 254 -0.90 3.32 7.65
CA ALA A 254 -1.01 4.60 8.34
C ALA A 254 -0.93 4.37 9.85
N VAL A 255 -1.60 3.29 10.28
CA VAL A 255 -1.60 2.90 11.69
C VAL A 255 -0.17 2.62 12.16
N GLY A 256 0.58 1.87 11.35
CA GLY A 256 1.96 1.54 11.63
C GLY A 256 2.83 2.80 11.73
N ILE A 257 2.70 3.70 10.75
CA ILE A 257 3.46 4.94 10.75
C ILE A 257 3.14 5.73 12.02
N ALA A 258 1.86 5.86 12.33
CA ALA A 258 1.40 6.54 13.53
C ALA A 258 1.96 5.87 14.78
N GLN A 259 1.93 4.52 14.83
CA GLN A 259 2.43 3.78 16.00
C GLN A 259 3.93 4.02 16.21
N GLY A 260 4.74 3.97 15.12
CA GLY A 260 6.18 4.22 15.28
C GLY A 260 6.51 5.63 15.77
N ALA A 261 5.64 6.60 15.40
CA ALA A 261 5.81 8.00 15.78
C ALA A 261 5.46 8.19 17.24
N LEU A 262 4.35 7.58 17.66
CA LEU A 262 3.93 7.59 19.07
C LEU A 262 4.96 6.86 19.93
N ASP A 263 5.47 5.68 19.49
CA ASP A 263 6.49 4.97 20.27
C ASP A 263 7.72 5.85 20.55
N TYR A 264 8.18 6.53 19.50
CA TYR A 264 9.35 7.39 19.61
C TYR A 264 9.10 8.62 20.52
N ALA A 265 7.97 9.32 20.34
CA ALA A 265 7.61 10.48 21.14
C ALA A 265 7.46 10.11 22.61
N LEU A 266 6.75 9.02 22.93
CA LEU A 266 6.61 8.54 24.31
C LEU A 266 7.95 8.30 25.00
N GLY A 267 8.84 7.58 24.31
CA GLY A 267 10.17 7.25 24.82
C GLY A 267 10.94 8.54 25.07
N TYR A 268 10.77 9.50 24.17
CA TYR A 268 11.50 10.75 24.26
C TYR A 268 11.05 11.61 25.44
N VAL A 269 9.72 11.78 25.62
CA VAL A 269 9.20 12.67 26.65
C VAL A 269 9.34 12.08 28.06
N LYS A 270 9.54 10.75 28.20
CA LYS A 270 9.89 10.16 29.50
C LYS A 270 11.32 10.55 29.90
N GLU A 271 12.24 10.77 28.95
CA GLU A 271 13.66 10.99 29.21
C GLU A 271 13.98 12.47 29.31
N ARG A 272 13.39 13.30 28.44
CA ARG A 272 13.78 14.71 28.33
C ARG A 272 13.25 15.50 29.54
N LYS A 273 14.09 16.36 30.12
CA LYS A 273 13.70 17.19 31.27
C LYS A 273 13.83 18.67 30.91
N GLN A 274 12.80 19.44 31.27
CA GLN A 274 12.82 20.88 31.26
C GLN A 274 12.11 21.29 32.55
N PHE A 275 12.53 22.42 33.14
CA PHE A 275 11.93 22.96 34.34
C PHE A 275 11.95 21.92 35.46
N GLY A 276 12.96 21.03 35.49
CA GLY A 276 13.14 20.10 36.61
C GLY A 276 12.32 18.81 36.50
N LYS A 277 11.55 18.58 35.43
CA LYS A 277 10.66 17.42 35.36
C LYS A 277 10.76 16.80 33.98
N ALA A 278 10.38 15.54 33.88
CA ALA A 278 10.21 14.93 32.59
C ALA A 278 9.09 15.68 31.85
N ILE A 279 9.29 15.91 30.54
CA ILE A 279 8.27 16.46 29.66
C ILE A 279 6.95 15.70 29.81
N ALA A 280 7.03 14.37 30.00
CA ALA A 280 5.84 13.53 30.22
C ALA A 280 5.06 13.92 31.47
N ASP A 281 5.66 14.69 32.40
CA ASP A 281 5.02 15.01 33.67
C ASP A 281 4.11 16.23 33.51
N PHE A 282 4.17 16.94 32.36
CA PHE A 282 3.35 18.11 32.09
C PHE A 282 1.98 17.66 31.58
N GLN A 283 0.91 18.14 32.23
CA GLN A 283 -0.40 17.59 31.95
C GLN A 283 -0.82 17.91 30.51
N GLY A 284 -0.41 19.07 29.98
CA GLY A 284 -0.79 19.39 28.61
C GLY A 284 -0.21 18.38 27.62
N ILE A 285 0.98 17.83 27.94
CA ILE A 285 1.62 16.79 27.15
C ILE A 285 0.92 15.45 27.33
N GLN A 286 0.52 15.15 28.57
CA GLN A 286 -0.25 13.95 28.85
C GLN A 286 -1.53 13.91 28.01
N PHE A 287 -2.24 15.05 27.96
CA PHE A 287 -3.47 15.13 27.19
C PHE A 287 -3.20 14.88 25.72
N MET A 288 -2.13 15.49 25.17
CA MET A 288 -1.74 15.26 23.79
C MET A 288 -1.47 13.77 23.54
N LEU A 289 -0.72 13.13 24.45
CA LEU A 289 -0.32 11.73 24.28
C LEU A 289 -1.56 10.83 24.33
N ALA A 290 -2.47 11.12 25.27
CA ALA A 290 -3.74 10.38 25.38
C ALA A 290 -4.53 10.43 24.08
N ASP A 291 -4.64 11.65 23.51
CA ASP A 291 -5.35 11.89 22.26
C ASP A 291 -4.74 11.08 21.10
N MET A 292 -3.41 11.12 20.99
CA MET A 292 -2.69 10.33 19.99
C MET A 292 -3.05 8.84 20.12
N ALA A 293 -2.92 8.31 21.35
CA ALA A 293 -3.08 6.88 21.64
C ALA A 293 -4.52 6.42 21.40
N MET A 294 -5.47 7.29 21.73
CA MET A 294 -6.89 6.96 21.65
C MET A 294 -7.33 6.94 20.20
N LYS A 295 -6.89 7.93 19.45
CA LYS A 295 -7.19 8.01 18.02
C LYS A 295 -6.52 6.87 17.25
N LEU A 296 -5.28 6.54 17.59
CA LEU A 296 -4.58 5.44 16.94
C LEU A 296 -5.29 4.11 17.14
N GLU A 297 -5.65 3.85 18.39
CA GLU A 297 -6.35 2.63 18.72
C GLU A 297 -7.70 2.55 18.00
N ALA A 298 -8.45 3.66 17.93
CA ALA A 298 -9.68 3.66 17.16
C ALA A 298 -9.42 3.36 15.68
N ALA A 299 -8.38 3.96 15.08
CA ALA A 299 -8.02 3.64 13.71
C ALA A 299 -7.59 2.17 13.56
N ARG A 300 -6.79 1.63 14.49
CA ARG A 300 -6.30 0.27 14.40
C ARG A 300 -7.49 -0.72 14.37
N GLN A 301 -8.44 -0.58 15.30
CA GLN A 301 -9.55 -1.51 15.42
C GLN A 301 -10.43 -1.42 14.18
N MET A 302 -10.57 -0.22 13.62
CA MET A 302 -11.44 -0.02 12.48
C MET A 302 -10.82 -0.66 11.24
N VAL A 303 -9.49 -0.63 11.16
CA VAL A 303 -8.75 -1.36 10.15
C VAL A 303 -8.95 -2.87 10.31
N TYR A 304 -8.82 -3.42 11.52
CA TYR A 304 -9.02 -4.85 11.74
C TYR A 304 -10.45 -5.26 11.37
N VAL A 305 -11.45 -4.43 11.66
CA VAL A 305 -12.83 -4.75 11.30
C VAL A 305 -12.96 -4.77 9.78
N ALA A 306 -12.26 -3.86 9.09
CA ALA A 306 -12.34 -3.82 7.65
C ALA A 306 -11.58 -5.00 7.01
N ALA A 307 -10.47 -5.39 7.59
CA ALA A 307 -9.66 -6.52 7.15
C ALA A 307 -10.47 -7.81 7.22
N ALA A 308 -11.09 -8.08 8.37
CA ALA A 308 -12.01 -9.21 8.51
C ALA A 308 -13.14 -9.14 7.47
N LYS A 309 -13.68 -7.96 7.20
CA LYS A 309 -14.66 -7.83 6.12
C LYS A 309 -14.09 -8.18 4.73
N SER A 310 -12.82 -7.85 4.50
CA SER A 310 -12.10 -8.13 3.27
C SER A 310 -11.92 -9.64 3.13
N GLU A 311 -11.58 -10.32 4.23
CA GLU A 311 -11.41 -11.75 4.22
C GLU A 311 -12.72 -12.50 3.91
N ARG A 312 -13.88 -12.09 4.49
CA ARG A 312 -15.17 -12.71 4.24
C ARG A 312 -15.83 -12.20 2.95
N ASP A 313 -15.29 -11.13 2.36
CA ASP A 313 -15.98 -10.38 1.31
C ASP A 313 -17.39 -9.96 1.73
N ASP A 314 -17.56 -9.39 2.94
CA ASP A 314 -18.81 -8.77 3.36
C ASP A 314 -19.33 -7.75 2.32
N ALA A 315 -20.67 -7.64 2.23
CA ALA A 315 -21.32 -6.78 1.23
C ALA A 315 -21.05 -5.30 1.50
N ASP A 316 -20.75 -4.89 2.76
CA ASP A 316 -20.52 -3.49 3.06
C ASP A 316 -19.01 -3.11 3.09
N LEU A 317 -18.15 -3.92 2.45
CA LEU A 317 -16.71 -3.72 2.46
C LEU A 317 -16.32 -2.35 1.89
N SER A 318 -17.06 -1.93 0.86
CA SER A 318 -16.79 -0.67 0.17
C SER A 318 -16.79 0.49 1.17
N PHE A 319 -17.81 0.58 2.02
CA PHE A 319 -17.88 1.65 3.01
C PHE A 319 -16.75 1.48 4.03
N TYR A 320 -16.54 0.25 4.54
CA TYR A 320 -15.64 0.05 5.67
C TYR A 320 -14.19 0.20 5.25
N GLY A 321 -13.85 -0.14 4.01
CA GLY A 321 -12.49 0.03 3.53
C GLY A 321 -12.17 1.52 3.34
N ALA A 322 -13.12 2.29 2.78
CA ALA A 322 -12.94 3.72 2.58
C ALA A 322 -12.88 4.46 3.93
N ALA A 323 -13.74 4.08 4.88
CA ALA A 323 -13.72 4.71 6.19
C ALA A 323 -12.46 4.39 6.96
N ALA A 324 -12.03 3.11 6.95
CA ALA A 324 -10.81 2.73 7.68
C ALA A 324 -9.58 3.45 7.08
N LYS A 325 -9.51 3.55 5.75
CA LYS A 325 -8.35 4.14 5.09
C LYS A 325 -8.30 5.65 5.37
N CYS A 326 -9.46 6.30 5.18
CA CYS A 326 -9.60 7.72 5.40
C CYS A 326 -9.27 8.07 6.85
N PHE A 327 -9.91 7.36 7.79
CA PHE A 327 -9.76 7.69 9.19
C PHE A 327 -8.32 7.53 9.64
N ALA A 328 -7.73 6.36 9.31
CA ALA A 328 -6.40 6.02 9.77
C ALA A 328 -5.36 6.96 9.18
N SER A 329 -5.54 7.37 7.92
CA SER A 329 -4.61 8.30 7.30
C SER A 329 -4.73 9.73 7.90
N ASP A 330 -5.95 10.20 8.20
CA ASP A 330 -6.14 11.49 8.84
C ASP A 330 -5.47 11.53 10.21
N VAL A 331 -5.68 10.46 10.98
CA VAL A 331 -5.16 10.27 12.32
C VAL A 331 -3.62 10.19 12.29
N ALA A 332 -3.08 9.48 11.32
CA ALA A 332 -1.64 9.36 11.18
C ALA A 332 -1.02 10.71 10.89
N MET A 333 -1.66 11.52 10.01
CA MET A 333 -1.22 12.87 9.71
C MET A 333 -1.17 13.74 10.97
N GLU A 334 -2.25 13.72 11.77
CA GLU A 334 -2.25 14.49 13.01
C GLU A 334 -1.22 14.00 14.02
N ILE A 335 -1.11 12.70 14.23
CA ILE A 335 -0.20 12.14 15.22
C ILE A 335 1.27 12.40 14.88
N THR A 336 1.69 12.13 13.64
CA THR A 336 3.05 12.43 13.21
C THR A 336 3.40 13.92 13.37
N THR A 337 2.47 14.81 13.05
CA THR A 337 2.69 16.25 13.19
C THR A 337 2.94 16.59 14.66
N ASP A 338 2.15 15.95 15.56
CA ASP A 338 2.32 16.08 17.01
C ASP A 338 3.55 15.37 17.53
N ALA A 339 3.97 14.27 16.90
CA ALA A 339 5.21 13.64 17.34
C ALA A 339 6.41 14.54 17.04
N VAL A 340 6.44 15.14 15.84
CA VAL A 340 7.49 16.11 15.58
C VAL A 340 7.50 17.18 16.69
N GLN A 341 6.32 17.72 16.98
CA GLN A 341 6.19 18.80 17.96
C GLN A 341 6.75 18.41 19.34
N LEU A 342 6.48 17.18 19.79
CA LEU A 342 6.84 16.69 21.10
C LEU A 342 8.35 16.56 21.31
N LEU A 343 9.11 16.44 20.20
CA LEU A 343 10.57 16.42 20.31
C LEU A 343 11.20 17.83 20.26
N GLY A 344 10.41 18.90 20.08
CA GLY A 344 10.94 20.23 19.94
C GLY A 344 11.86 20.36 18.72
N GLY A 345 12.95 21.11 18.87
CA GLY A 345 13.92 21.32 17.81
C GLY A 345 14.41 20.00 17.20
N TYR A 346 14.69 19.03 18.07
CA TYR A 346 15.21 17.74 17.67
C TYR A 346 14.25 17.08 16.67
N GLY A 347 12.94 17.32 16.81
CA GLY A 347 11.93 16.64 16.00
C GLY A 347 11.91 17.14 14.56
N TYR A 348 12.45 18.34 14.37
CA TYR A 348 12.56 19.00 13.08
C TYR A 348 13.82 18.57 12.33
N THR A 349 14.70 17.75 12.95
CA THR A 349 15.94 17.31 12.30
C THR A 349 15.88 15.85 11.89
N ARG A 350 16.72 15.46 10.89
CA ARG A 350 16.74 14.11 10.31
C ARG A 350 17.51 13.13 11.19
N ASP A 351 18.09 13.61 12.28
CA ASP A 351 18.75 12.75 13.25
C ASP A 351 17.70 11.97 14.06
N TYR A 352 16.45 12.45 14.14
CA TYR A 352 15.37 11.68 14.74
C TYR A 352 14.48 11.26 13.59
N PRO A 353 13.77 10.13 13.72
CA PRO A 353 12.98 9.61 12.61
C PRO A 353 11.58 10.22 12.46
N VAL A 354 11.15 11.09 13.43
CA VAL A 354 9.77 11.53 13.46
C VAL A 354 9.43 12.41 12.25
N GLU A 355 10.37 13.24 11.77
CA GLU A 355 10.09 14.11 10.65
C GLU A 355 9.87 13.29 9.37
N ARG A 356 10.60 12.18 9.18
CA ARG A 356 10.38 11.31 8.04
C ARG A 356 8.98 10.68 8.18
N MET A 357 8.61 10.32 9.40
CA MET A 357 7.35 9.65 9.63
C MET A 357 6.20 10.58 9.28
N MET A 358 6.36 11.89 9.60
CA MET A 358 5.40 12.92 9.21
C MET A 358 5.31 13.05 7.67
N ARG A 359 6.47 13.07 7.01
CA ARG A 359 6.52 13.16 5.56
C ARG A 359 5.85 11.95 4.91
N ASP A 360 6.09 10.74 5.45
CA ASP A 360 5.54 9.50 4.91
C ASP A 360 4.02 9.41 5.17
N ALA A 361 3.55 9.91 6.33
CA ALA A 361 2.13 9.83 6.66
C ALA A 361 1.26 10.56 5.62
N LYS A 362 1.77 11.68 5.10
CA LYS A 362 1.00 12.51 4.18
C LYS A 362 0.60 11.75 2.92
N ILE A 363 1.41 10.80 2.43
CA ILE A 363 1.02 10.04 1.25
C ILE A 363 -0.25 9.22 1.51
N THR A 364 -0.44 8.74 2.74
CA THR A 364 -1.53 7.84 3.04
C THR A 364 -2.89 8.50 2.85
N GLN A 365 -2.90 9.85 2.86
CA GLN A 365 -4.10 10.61 2.63
C GLN A 365 -4.41 10.74 1.14
N ILE A 366 -3.44 10.40 0.27
CA ILE A 366 -3.54 10.61 -1.16
C ILE A 366 -3.64 9.28 -1.94
N TYR A 367 -2.78 8.28 -1.71
CA TYR A 367 -2.87 7.16 -2.63
C TYR A 367 -3.88 6.11 -2.16
N GLU A 368 -4.18 5.24 -3.14
CA GLU A 368 -5.27 4.30 -3.15
C GLU A 368 -6.59 5.03 -3.01
N GLY A 369 -6.66 6.24 -3.61
CA GLY A 369 -7.88 7.05 -3.58
C GLY A 369 -7.72 8.12 -2.50
N THR A 370 -7.69 9.39 -2.95
CA THR A 370 -7.61 10.53 -2.06
C THR A 370 -8.70 10.41 -1.00
N ASN A 371 -8.43 10.89 0.20
CA ASN A 371 -9.43 10.96 1.26
C ASN A 371 -10.70 11.70 0.79
N GLN A 372 -10.59 12.55 -0.23
CA GLN A 372 -11.78 13.19 -0.75
C GLN A 372 -12.62 12.16 -1.51
N ILE A 373 -11.96 11.35 -2.35
CA ILE A 373 -12.63 10.24 -3.03
C ILE A 373 -13.17 9.21 -2.03
N GLN A 374 -12.44 8.97 -0.92
CA GLN A 374 -12.94 8.08 0.11
C GLN A 374 -14.27 8.61 0.63
N ARG A 375 -14.41 9.94 0.76
CA ARG A 375 -15.64 10.48 1.30
C ARG A 375 -16.79 10.41 0.29
N VAL A 376 -16.49 10.59 -1.00
CA VAL A 376 -17.43 10.36 -2.09
C VAL A 376 -17.93 8.91 -2.03
N VAL A 377 -17.02 7.92 -1.88
CA VAL A 377 -17.43 6.52 -1.79
C VAL A 377 -18.27 6.25 -0.55
N MET A 378 -17.88 6.78 0.62
CA MET A 378 -18.66 6.54 1.83
C MET A 378 -20.07 7.16 1.70
N ALA A 379 -20.18 8.38 1.15
CA ALA A 379 -21.49 9.02 0.98
C ALA A 379 -22.38 8.23 0.02
N ARG A 380 -21.88 7.70 -1.11
CA ARG A 380 -22.68 6.82 -1.98
C ARG A 380 -23.25 5.65 -1.20
N GLN A 381 -22.47 5.01 -0.34
CA GLN A 381 -22.92 3.82 0.37
C GLN A 381 -23.99 4.17 1.40
N LEU A 382 -23.83 5.28 2.13
CA LEU A 382 -24.83 5.72 3.10
C LEU A 382 -26.17 6.08 2.43
N LEU A 383 -26.13 6.71 1.24
CA LEU A 383 -27.32 7.26 0.58
C LEU A 383 -28.11 6.26 -0.27
N LYS A 384 -27.56 5.13 -0.72
CA LYS A 384 -28.42 4.19 -1.46
C LYS A 384 -29.26 3.35 -0.48
#